data_5LEF
#
_entry.id   5LEF
#
_cell.length_a   125.250
_cell.length_b   128.190
_cell.length_c   36.030
_cell.angle_alpha   90.00
_cell.angle_beta   90.00
_cell.angle_gamma   90.00
#
_symmetry.space_group_name_H-M   'P 21 21 2'
#
loop_
_entity.id
_entity.type
_entity.pdbx_description
1 polymer 'Ras-related protein Rab-6A'
2 polymer 'Kinesin-like protein KIF20A'
3 non-polymer "GUANOSINE-5'-TRIPHOSPHATE"
4 non-polymer 'MAGNESIUM ION'
5 non-polymer 'SULFATE ION'
6 non-polymer GLYCEROL
7 non-polymer 'ISOPROPYL ALCOHOL'
8 water water
#
loop_
_entity_poly.entity_id
_entity_poly.type
_entity_poly.pdbx_seq_one_letter_code
_entity_poly.pdbx_strand_id
1 'polypeptide(L)'
;GAMGNPLRKFKLVFLGEQSVGKTSLITRFMYDSFDNTYQATIGIDFLSKTMYLEDRTVRLQLWDTAGLERFRSLIPSYIR
DSTVAVVVYDITNVNSFQQTTKWIDDVRTERGSDVIIMLVGNKTDLADKRQVSIEEGERKAKELNVMFIETSAKAGYNVK
QLFRRVAAALPGMESTQDRSREDMIDIKLEK
;
A,B
2 'polypeptide(L)' GAMEQWCSERLDNQKELMEELYEEKLKILKESLTTFYQEQIQERDEKIEELETLLQEAKQQPAAQQ C,D
#
loop_
_chem_comp.id
_chem_comp.type
_chem_comp.name
_chem_comp.formula
GOL non-polymer GLYCEROL 'C3 H8 O3'
GTP non-polymer GUANOSINE-5'-TRIPHOSPHATE 'C10 H16 N5 O14 P3'
IPA non-polymer 'ISOPROPYL ALCOHOL' 'C3 H8 O'
MG non-polymer 'MAGNESIUM ION' 'Mg 2'
SO4 non-polymer 'SULFATE ION' 'O4 S -2'
#
# COMPACT_ATOMS: atom_id res chain seq x y z
N LEU A 7 -19.39 15.45 -1.57
CA LEU A 7 -18.82 14.34 -2.32
C LEU A 7 -18.45 13.19 -1.39
N ARG A 8 -19.46 12.48 -0.91
CA ARG A 8 -19.25 11.32 -0.05
C ARG A 8 -18.51 10.24 -0.82
N LYS A 9 -17.66 9.48 -0.13
CA LYS A 9 -16.86 8.44 -0.75
C LYS A 9 -17.40 7.06 -0.40
N PHE A 10 -17.38 6.16 -1.39
CA PHE A 10 -17.82 4.79 -1.21
C PHE A 10 -16.82 3.83 -1.84
N LYS A 11 -16.67 2.66 -1.24
CA LYS A 11 -15.68 1.68 -1.68
C LYS A 11 -16.35 0.47 -2.30
N LEU A 12 -16.00 0.19 -3.56
CA LEU A 12 -16.47 -1.00 -4.27
C LEU A 12 -15.33 -1.98 -4.45
N VAL A 13 -15.50 -3.20 -3.96
CA VAL A 13 -14.52 -4.25 -4.20
C VAL A 13 -15.08 -5.23 -5.23
N PHE A 14 -14.24 -5.57 -6.21
CA PHE A 14 -14.60 -6.51 -7.26
C PHE A 14 -13.95 -7.86 -7.02
N LEU A 15 -14.78 -8.90 -7.01
CA LEU A 15 -14.38 -10.23 -6.60
C LEU A 15 -14.82 -11.28 -7.62
N GLY A 16 -14.06 -12.38 -7.70
CA GLY A 16 -14.40 -13.47 -8.58
C GLY A 16 -13.19 -14.24 -9.04
N GLU A 17 -13.42 -15.39 -9.68
CA GLU A 17 -12.32 -16.22 -10.14
C GLU A 17 -11.54 -15.52 -11.24
N GLN A 18 -10.41 -16.10 -11.61
CA GLN A 18 -9.54 -15.53 -12.61
C GLN A 18 -10.20 -15.41 -13.98
N SER A 19 -10.00 -14.26 -14.61
CA SER A 19 -10.38 -14.04 -16.01
CA SER A 19 -10.39 -14.03 -16.02
C SER A 19 -11.90 -14.07 -16.25
N VAL A 20 -12.68 -13.69 -15.25
CA VAL A 20 -14.13 -13.62 -15.42
C VAL A 20 -14.55 -12.28 -16.03
N GLY A 21 -13.71 -11.26 -15.87
CA GLY A 21 -13.94 -9.96 -16.48
C GLY A 21 -14.10 -8.80 -15.50
N LYS A 22 -13.58 -8.95 -14.28
CA LYS A 22 -13.65 -7.89 -13.28
C LYS A 22 -13.05 -6.59 -13.80
N THR A 23 -11.82 -6.68 -14.31
CA THR A 23 -11.08 -5.52 -14.79
C THR A 23 -11.75 -4.90 -16.03
N SER A 24 -12.22 -5.76 -16.93
CA SER A 24 -12.88 -5.30 -18.15
C SER A 24 -14.17 -4.55 -17.87
N LEU A 25 -14.91 -4.97 -16.85
CA LEU A 25 -16.13 -4.26 -16.47
C LEU A 25 -15.80 -2.86 -15.98
N ILE A 26 -14.76 -2.75 -15.15
CA ILE A 26 -14.32 -1.45 -14.65
C ILE A 26 -13.85 -0.57 -15.81
N THR A 27 -13.05 -1.15 -16.70
CA THR A 27 -12.51 -0.40 -17.84
C THR A 27 -13.63 0.12 -18.74
N ARG A 28 -14.62 -0.73 -19.02
CA ARG A 28 -15.76 -0.32 -19.85
C ARG A 28 -16.51 0.84 -19.20
N PHE A 29 -16.70 0.76 -17.89
CA PHE A 29 -17.43 1.82 -17.19
C PHE A 29 -16.63 3.12 -17.16
N MET A 30 -15.35 3.01 -16.87
CA MET A 30 -14.51 4.19 -16.70
CA MET A 30 -14.46 4.15 -16.71
C MET A 30 -14.18 4.89 -18.02
N TYR A 31 -13.81 4.12 -19.03
CA TYR A 31 -13.31 4.69 -20.27
C TYR A 31 -14.10 4.30 -21.52
N ASP A 32 -15.15 3.50 -21.34
CA ASP A 32 -15.96 3.02 -22.45
C ASP A 32 -15.07 2.38 -23.52
N SER A 33 -14.17 1.50 -23.07
CA SER A 33 -13.32 0.75 -23.99
C SER A 33 -13.21 -0.69 -23.54
N PHE A 34 -12.61 -1.52 -24.39
CA PHE A 34 -12.42 -2.93 -24.11
C PHE A 34 -11.17 -3.43 -24.80
N ASP A 35 -10.50 -4.39 -24.17
CA ASP A 35 -9.28 -4.98 -24.72
C ASP A 35 -9.35 -6.50 -24.62
N ASN A 36 -9.29 -7.17 -25.77
CA ASN A 36 -9.32 -8.63 -25.81
C ASN A 36 -8.09 -9.24 -25.14
N THR A 37 -6.98 -8.53 -25.18
CA THR A 37 -5.72 -9.06 -24.65
C THR A 37 -5.81 -9.15 -23.13
N TYR A 38 -5.56 -10.36 -22.61
CA TYR A 38 -5.67 -10.62 -21.18
C TYR A 38 -4.43 -10.13 -20.43
N GLN A 39 -4.67 -9.25 -19.46
CA GLN A 39 -3.63 -8.84 -18.52
C GLN A 39 -4.13 -9.10 -17.09
N ALA A 40 -3.63 -10.18 -16.50
CA ALA A 40 -4.07 -10.59 -15.17
C ALA A 40 -3.78 -9.51 -14.15
N THR A 41 -4.74 -9.27 -13.26
CA THR A 41 -4.55 -8.32 -12.18
C THR A 41 -3.57 -8.91 -11.18
N ILE A 42 -2.58 -8.12 -10.80
CA ILE A 42 -1.55 -8.55 -9.88
C ILE A 42 -1.85 -8.01 -8.49
N GLY A 43 -2.35 -8.89 -7.62
CA GLY A 43 -2.75 -8.51 -6.29
C GLY A 43 -4.05 -7.70 -6.31
N ILE A 44 -3.92 -6.40 -6.55
CA ILE A 44 -5.07 -5.51 -6.55
C ILE A 44 -4.74 -4.19 -7.22
N ASP A 45 -5.75 -3.56 -7.82
CA ASP A 45 -5.59 -2.25 -8.44
C ASP A 45 -6.62 -1.28 -7.89
N PHE A 46 -6.21 -0.02 -7.74
CA PHE A 46 -7.06 1.01 -7.15
C PHE A 46 -7.42 2.07 -8.18
N LEU A 47 -8.71 2.29 -8.38
CA LEU A 47 -9.19 3.32 -9.28
C LEU A 47 -10.27 4.14 -8.59
N SER A 48 -10.62 5.27 -9.21
CA SER A 48 -11.59 6.19 -8.64
C SER A 48 -12.46 6.79 -9.74
N LYS A 49 -13.74 7.00 -9.44
CA LYS A 49 -14.66 7.61 -10.38
C LYS A 49 -15.81 8.29 -9.64
N THR A 50 -16.12 9.51 -10.08
CA THR A 50 -17.23 10.26 -9.51
C THR A 50 -18.50 10.02 -10.31
N MET A 51 -19.61 9.83 -9.60
CA MET A 51 -20.92 9.65 -10.23
C MET A 51 -21.86 10.75 -9.77
N TYR A 52 -22.25 11.62 -10.70
CA TYR A 52 -23.12 12.75 -10.40
C TYR A 52 -24.58 12.33 -10.47
N LEU A 53 -25.07 11.76 -9.37
CA LEU A 53 -26.45 11.31 -9.29
C LEU A 53 -27.39 12.51 -9.22
N GLU A 54 -28.69 12.25 -9.37
CA GLU A 54 -29.68 13.32 -9.29
C GLU A 54 -29.75 13.88 -7.88
N ASP A 55 -29.66 12.98 -6.89
CA ASP A 55 -29.65 13.38 -5.49
C ASP A 55 -28.39 14.18 -5.17
N ARG A 56 -27.25 13.50 -5.22
CA ARG A 56 -25.97 14.12 -4.89
C ARG A 56 -24.85 13.58 -5.77
N THR A 57 -23.62 13.92 -5.41
CA THR A 57 -22.43 13.37 -6.07
C THR A 57 -21.71 12.43 -5.11
N VAL A 58 -21.22 11.32 -5.66
CA VAL A 58 -20.48 10.34 -4.88
C VAL A 58 -19.20 9.98 -5.62
N ARG A 59 -18.12 9.77 -4.87
CA ARG A 59 -16.88 9.28 -5.45
C ARG A 59 -16.73 7.80 -5.13
N LEU A 60 -16.59 7.00 -6.17
CA LEU A 60 -16.44 5.55 -6.02
C LEU A 60 -14.98 5.15 -6.07
N GLN A 61 -14.46 4.63 -4.97
CA GLN A 61 -13.17 3.97 -4.98
C GLN A 61 -13.38 2.55 -5.47
N LEU A 62 -12.71 2.19 -6.55
CA LEU A 62 -12.86 0.87 -7.16
C LEU A 62 -11.66 -0.01 -6.86
N TRP A 63 -11.91 -1.04 -6.05
CA TRP A 63 -10.85 -1.98 -5.65
C TRP A 63 -10.95 -3.25 -6.47
N ASP A 64 -10.08 -3.35 -7.47
CA ASP A 64 -10.10 -4.44 -8.44
C ASP A 64 -9.13 -5.55 -8.03
N THR A 65 -9.65 -6.62 -7.43
CA THR A 65 -8.80 -7.69 -6.90
C THR A 65 -8.47 -8.74 -7.95
N ALA A 66 -7.44 -9.53 -7.68
CA ALA A 66 -6.99 -10.59 -8.58
C ALA A 66 -7.77 -11.88 -8.34
N GLY A 67 -7.95 -12.66 -9.40
CA GLY A 67 -8.54 -13.98 -9.29
C GLY A 67 -7.49 -15.05 -9.01
N LEU A 68 -6.24 -14.76 -9.32
CA LEU A 68 -5.14 -15.69 -9.07
C LEU A 68 -5.11 -16.12 -7.62
N GLU A 69 -5.03 -17.43 -7.40
CA GLU A 69 -5.13 -18.01 -6.06
C GLU A 69 -4.07 -17.49 -5.09
N ARG A 70 -2.90 -17.16 -5.62
CA ARG A 70 -1.78 -16.73 -4.79
C ARG A 70 -2.06 -15.40 -4.08
N PHE A 71 -2.99 -14.63 -4.61
CA PHE A 71 -3.30 -13.30 -4.06
C PHE A 71 -4.53 -13.28 -3.16
N ARG A 72 -5.09 -14.47 -2.87
CA ARG A 72 -6.33 -14.55 -2.10
C ARG A 72 -6.20 -13.95 -0.70
N SER A 73 -5.02 -14.05 -0.10
CA SER A 73 -4.82 -13.60 1.27
C SER A 73 -4.89 -12.08 1.41
N LEU A 74 -4.72 -11.37 0.30
CA LEU A 74 -4.81 -9.91 0.30
C LEU A 74 -6.24 -9.41 0.45
N ILE A 75 -7.19 -10.21 -0.02
CA ILE A 75 -8.55 -9.71 -0.29
C ILE A 75 -9.42 -9.43 0.94
N PRO A 76 -9.34 -10.26 1.99
CA PRO A 76 -10.24 -10.06 3.14
C PRO A 76 -10.29 -8.63 3.71
N SER A 77 -9.15 -7.97 3.86
CA SER A 77 -9.14 -6.63 4.45
C SER A 77 -9.90 -5.63 3.58
N TYR A 78 -9.87 -5.84 2.28
CA TYR A 78 -10.56 -4.94 1.36
C TYR A 78 -12.05 -5.21 1.34
N ILE A 79 -12.45 -6.47 1.48
CA ILE A 79 -13.86 -6.80 1.66
C ILE A 79 -14.35 -6.14 2.95
N ARG A 80 -13.53 -6.27 3.98
CA ARG A 80 -13.87 -5.74 5.30
CA ARG A 80 -13.86 -5.73 5.30
C ARG A 80 -14.11 -4.23 5.26
N ASP A 81 -13.32 -3.51 4.48
CA ASP A 81 -13.40 -2.04 4.43
C ASP A 81 -14.25 -1.53 3.26
N SER A 82 -14.93 -2.41 2.56
CA SER A 82 -15.72 -2.02 1.40
C SER A 82 -17.18 -1.72 1.75
N THR A 83 -17.81 -0.88 0.93
CA THR A 83 -19.22 -0.56 1.06
C THR A 83 -20.05 -1.50 0.19
N VAL A 84 -19.48 -1.85 -0.95
CA VAL A 84 -20.15 -2.68 -1.94
C VAL A 84 -19.21 -3.79 -2.39
N ALA A 85 -19.77 -4.98 -2.59
CA ALA A 85 -19.03 -6.08 -3.19
C ALA A 85 -19.69 -6.47 -4.51
N VAL A 86 -18.91 -6.41 -5.58
CA VAL A 86 -19.36 -6.86 -6.89
C VAL A 86 -18.70 -8.19 -7.17
N VAL A 87 -19.52 -9.23 -7.17
CA VAL A 87 -19.04 -10.60 -7.38
C VAL A 87 -19.33 -11.02 -8.81
N VAL A 88 -18.28 -11.30 -9.56
CA VAL A 88 -18.39 -11.57 -10.98
C VAL A 88 -18.11 -13.03 -11.31
N TYR A 89 -18.91 -13.58 -12.20
CA TYR A 89 -18.57 -14.86 -12.82
C TYR A 89 -18.72 -14.77 -14.33
N ASP A 90 -18.29 -15.84 -14.98
CA ASP A 90 -18.25 -15.94 -16.43
C ASP A 90 -19.32 -16.92 -16.87
N ILE A 91 -20.30 -16.46 -17.64
CA ILE A 91 -21.44 -17.30 -18.02
C ILE A 91 -21.03 -18.51 -18.87
N THR A 92 -19.79 -18.50 -19.35
CA THR A 92 -19.27 -19.62 -20.15
C THR A 92 -18.47 -20.61 -19.30
N ASN A 93 -18.35 -20.32 -18.00
CA ASN A 93 -17.52 -21.12 -17.11
C ASN A 93 -18.25 -21.48 -15.82
N VAL A 94 -18.67 -22.73 -15.72
CA VAL A 94 -19.48 -23.19 -14.60
C VAL A 94 -18.76 -23.07 -13.28
N ASN A 95 -17.47 -23.40 -13.26
CA ASN A 95 -16.71 -23.31 -12.02
C ASN A 95 -16.75 -21.91 -11.44
N SER A 96 -16.58 -20.91 -12.29
CA SER A 96 -16.57 -19.51 -11.84
C SER A 96 -17.90 -19.16 -11.18
N PHE A 97 -18.98 -19.70 -11.71
CA PHE A 97 -20.32 -19.48 -11.17
C PHE A 97 -20.49 -20.22 -9.83
N GLN A 98 -20.03 -21.46 -9.79
CA GLN A 98 -20.16 -22.28 -8.58
C GLN A 98 -19.40 -21.66 -7.40
N GLN A 99 -18.31 -20.96 -7.69
CA GLN A 99 -17.50 -20.32 -6.65
C GLN A 99 -18.13 -19.06 -6.06
N THR A 100 -19.17 -18.52 -6.69
CA THR A 100 -19.73 -17.26 -6.22
C THR A 100 -20.43 -17.38 -4.86
N THR A 101 -20.93 -18.57 -4.55
CA THR A 101 -21.48 -18.81 -3.21
C THR A 101 -20.39 -18.61 -2.17
N LYS A 102 -19.20 -19.13 -2.46
CA LYS A 102 -18.06 -18.98 -1.57
CA LYS A 102 -18.06 -18.97 -1.56
C LYS A 102 -17.67 -17.50 -1.44
N TRP A 103 -17.68 -16.78 -2.55
CA TRP A 103 -17.31 -15.37 -2.52
C TRP A 103 -18.31 -14.57 -1.69
N ILE A 104 -19.60 -14.85 -1.87
CA ILE A 104 -20.63 -14.12 -1.16
C ILE A 104 -20.61 -14.54 0.31
N ASP A 105 -20.30 -15.79 0.57
CA ASP A 105 -20.08 -16.27 1.93
C ASP A 105 -19.00 -15.42 2.62
N ASP A 106 -17.84 -15.29 1.97
CA ASP A 106 -16.74 -14.48 2.50
C ASP A 106 -17.17 -13.03 2.77
N VAL A 107 -17.94 -12.44 1.86
CA VAL A 107 -18.36 -11.05 2.02
C VAL A 107 -19.25 -10.90 3.26
N ARG A 108 -20.23 -11.79 3.40
CA ARG A 108 -21.12 -11.75 4.55
C ARG A 108 -20.34 -11.96 5.84
N THR A 109 -19.34 -12.82 5.78
CA THR A 109 -18.51 -13.13 6.94
C THR A 109 -17.82 -11.87 7.48
N GLU A 110 -17.38 -11.01 6.57
CA GLU A 110 -16.66 -9.78 6.95
C GLU A 110 -17.59 -8.61 7.26
N ARG A 111 -18.76 -8.59 6.65
CA ARG A 111 -19.63 -7.40 6.69
C ARG A 111 -21.07 -7.68 7.14
N GLY A 112 -21.48 -8.94 7.10
CA GLY A 112 -22.84 -9.30 7.45
C GLY A 112 -23.87 -8.72 6.48
N SER A 113 -24.94 -8.15 7.01
CA SER A 113 -25.99 -7.55 6.20
C SER A 113 -25.70 -6.08 5.88
N ASP A 114 -24.63 -5.54 6.47
CA ASP A 114 -24.27 -4.14 6.29
C ASP A 114 -23.46 -3.93 5.01
N VAL A 115 -23.73 -4.73 3.99
CA VAL A 115 -23.03 -4.61 2.73
C VAL A 115 -23.96 -4.83 1.54
N ILE A 116 -23.75 -4.04 0.50
CA ILE A 116 -24.49 -4.19 -0.74
C ILE A 116 -23.71 -5.15 -1.63
N ILE A 117 -24.40 -6.18 -2.12
CA ILE A 117 -23.76 -7.17 -2.98
C ILE A 117 -24.48 -7.29 -4.32
N MET A 118 -23.68 -7.24 -5.39
CA MET A 118 -24.18 -7.42 -6.74
C MET A 118 -23.49 -8.63 -7.36
N LEU A 119 -24.29 -9.59 -7.82
CA LEU A 119 -23.79 -10.76 -8.54
C LEU A 119 -23.87 -10.50 -10.03
N VAL A 120 -22.75 -10.67 -10.73
CA VAL A 120 -22.65 -10.33 -12.15
C VAL A 120 -22.27 -11.53 -13.01
N GLY A 121 -23.16 -11.90 -13.94
CA GLY A 121 -22.85 -12.90 -14.94
C GLY A 121 -22.34 -12.24 -16.20
N ASN A 122 -21.02 -12.27 -16.40
CA ASN A 122 -20.37 -11.53 -17.48
C ASN A 122 -20.11 -12.40 -18.72
N LYS A 123 -19.89 -11.72 -19.84
CA LYS A 123 -19.56 -12.32 -21.15
C LYS A 123 -20.77 -12.89 -21.89
N THR A 124 -21.90 -12.19 -21.82
CA THR A 124 -23.13 -12.63 -22.49
C THR A 124 -22.96 -12.70 -24.01
N ASP A 125 -21.98 -11.99 -24.54
CA ASP A 125 -21.73 -11.96 -25.98
C ASP A 125 -21.23 -13.31 -26.50
N LEU A 126 -20.67 -14.13 -25.61
CA LEU A 126 -20.19 -15.46 -25.98
C LEU A 126 -21.33 -16.46 -25.90
N ALA A 127 -22.39 -16.18 -26.66
CA ALA A 127 -23.66 -16.88 -26.52
C ALA A 127 -23.56 -18.39 -26.68
N ASP A 128 -22.83 -18.87 -27.68
CA ASP A 128 -22.81 -20.31 -27.96
C ASP A 128 -21.93 -21.08 -26.98
N LYS A 129 -21.20 -20.36 -26.13
CA LYS A 129 -20.35 -20.98 -25.11
C LYS A 129 -21.01 -20.97 -23.73
N ARG A 130 -22.20 -20.40 -23.64
CA ARG A 130 -22.86 -20.27 -22.35
C ARG A 130 -23.11 -21.63 -21.72
N GLN A 131 -22.81 -21.73 -20.42
CA GLN A 131 -23.07 -22.94 -19.68
CA GLN A 131 -23.05 -22.93 -19.66
C GLN A 131 -23.94 -22.64 -18.46
N VAL A 132 -24.06 -21.37 -18.11
CA VAL A 132 -24.90 -20.95 -16.99
C VAL A 132 -26.07 -20.12 -17.52
N SER A 133 -27.28 -20.66 -17.44
CA SER A 133 -28.46 -19.96 -17.90
C SER A 133 -28.69 -18.73 -17.04
N ILE A 134 -29.34 -17.72 -17.61
CA ILE A 134 -29.67 -16.52 -16.86
C ILE A 134 -30.57 -16.88 -15.67
N GLU A 135 -31.41 -17.90 -15.86
CA GLU A 135 -32.29 -18.37 -14.78
C GLU A 135 -31.50 -18.87 -13.57
N GLU A 136 -30.46 -19.66 -13.82
CA GLU A 136 -29.61 -20.17 -12.76
C GLU A 136 -28.97 -19.04 -11.96
N GLY A 137 -28.48 -18.03 -12.67
CA GLY A 137 -27.86 -16.89 -12.03
C GLY A 137 -28.84 -16.11 -11.18
N GLU A 138 -30.04 -15.91 -11.71
CA GLU A 138 -31.09 -15.21 -10.99
C GLU A 138 -31.52 -15.97 -9.75
N ARG A 139 -31.63 -17.28 -9.86
CA ARG A 139 -32.04 -18.11 -8.72
C ARG A 139 -30.99 -18.06 -7.61
N LYS A 140 -29.72 -18.12 -7.99
CA LYS A 140 -28.62 -18.04 -7.03
C LYS A 140 -28.64 -16.71 -6.27
N ALA A 141 -28.80 -15.61 -7.00
CA ALA A 141 -28.81 -14.30 -6.38
C ALA A 141 -29.98 -14.16 -5.41
N LYS A 142 -31.12 -14.72 -5.78
CA LYS A 142 -32.29 -14.64 -4.93
C LYS A 142 -32.10 -15.49 -3.68
N GLU A 143 -31.51 -16.67 -3.86
CA GLU A 143 -31.20 -17.55 -2.73
C GLU A 143 -30.36 -16.81 -1.70
N LEU A 144 -29.42 -16.01 -2.17
CA LEU A 144 -28.45 -15.35 -1.31
C LEU A 144 -28.82 -13.91 -1.00
N ASN A 145 -29.99 -13.50 -1.49
CA ASN A 145 -30.51 -12.14 -1.29
C ASN A 145 -29.51 -11.07 -1.74
N VAL A 146 -28.98 -11.24 -2.94
CA VAL A 146 -28.12 -10.23 -3.54
C VAL A 146 -28.74 -9.75 -4.85
N MET A 147 -28.28 -8.60 -5.33
CA MET A 147 -28.71 -8.08 -6.61
C MET A 147 -28.07 -8.91 -7.72
N PHE A 148 -28.72 -8.94 -8.88
CA PHE A 148 -28.23 -9.71 -10.02
C PHE A 148 -28.30 -8.94 -11.32
N ILE A 149 -27.31 -9.15 -12.17
CA ILE A 149 -27.33 -8.61 -13.52
C ILE A 149 -26.40 -9.43 -14.41
N GLU A 150 -26.73 -9.50 -15.69
CA GLU A 150 -25.82 -10.06 -16.68
C GLU A 150 -25.25 -8.93 -17.52
N THR A 151 -24.00 -9.09 -17.94
CA THR A 151 -23.29 -8.04 -18.66
C THR A 151 -22.42 -8.59 -19.79
N SER A 152 -22.01 -7.69 -20.67
CA SER A 152 -20.90 -7.96 -21.57
C SER A 152 -20.00 -6.73 -21.57
N ALA A 153 -18.84 -6.85 -20.93
CA ALA A 153 -17.86 -5.77 -20.97
C ALA A 153 -17.44 -5.52 -22.41
N LYS A 154 -17.38 -6.58 -23.21
CA LYS A 154 -16.95 -6.47 -24.60
C LYS A 154 -17.95 -5.69 -25.43
N ALA A 155 -19.23 -6.05 -25.32
CA ALA A 155 -20.27 -5.42 -26.11
C ALA A 155 -20.71 -4.09 -25.48
N GLY A 156 -20.34 -3.87 -24.22
CA GLY A 156 -20.83 -2.71 -23.51
C GLY A 156 -22.30 -2.88 -23.17
N TYR A 157 -22.69 -4.12 -22.88
CA TYR A 157 -24.08 -4.40 -22.50
C TYR A 157 -24.25 -4.43 -20.99
N ASN A 158 -25.14 -3.57 -20.50
CA ASN A 158 -25.55 -3.55 -19.09
C ASN A 158 -24.46 -3.17 -18.09
N VAL A 159 -23.35 -2.61 -18.58
CA VAL A 159 -22.28 -2.22 -17.67
C VAL A 159 -22.67 -0.92 -16.94
N LYS A 160 -23.22 0.04 -17.68
CA LYS A 160 -23.72 1.26 -17.06
C LYS A 160 -24.84 0.94 -16.07
N GLN A 161 -25.71 0.01 -16.45
CA GLN A 161 -26.84 -0.37 -15.61
C GLN A 161 -26.33 -0.99 -14.31
N LEU A 162 -25.28 -1.80 -14.41
CA LEU A 162 -24.64 -2.38 -13.22
CA LEU A 162 -24.65 -2.38 -13.23
C LEU A 162 -24.30 -1.31 -12.21
N PHE A 163 -23.55 -0.30 -12.64
CA PHE A 163 -23.07 0.73 -11.72
C PHE A 163 -24.17 1.67 -11.24
N ARG A 164 -25.17 1.91 -12.07
CA ARG A 164 -26.30 2.74 -11.68
C ARG A 164 -27.13 2.08 -10.60
N ARG A 165 -27.34 0.76 -10.74
CA ARG A 165 -28.08 -0.01 -9.74
C ARG A 165 -27.34 0.00 -8.41
N VAL A 166 -26.02 -0.17 -8.48
CA VAL A 166 -25.19 -0.18 -7.28
C VAL A 166 -25.19 1.19 -6.61
N ALA A 167 -25.07 2.24 -7.42
CA ALA A 167 -25.04 3.60 -6.89
C ALA A 167 -26.36 3.97 -6.22
N ALA A 168 -27.46 3.51 -6.80
CA ALA A 168 -28.79 3.83 -6.27
C ALA A 168 -29.04 3.17 -4.92
N ALA A 169 -28.28 2.11 -4.64
CA ALA A 169 -28.46 1.35 -3.40
C ALA A 169 -27.56 1.87 -2.27
N LEU A 170 -26.67 2.79 -2.60
CA LEU A 170 -25.74 3.33 -1.61
C LEU A 170 -26.48 4.03 -0.47
N PRO A 171 -25.94 3.95 0.76
CA PRO A 171 -26.60 4.60 1.91
C PRO A 171 -26.64 6.12 1.77
N GLY A 172 -27.68 6.74 2.33
CA GLY A 172 -27.85 8.18 2.30
C GLY A 172 -27.83 8.79 3.69
N PHE B 10 7.48 7.21 19.40
CA PHE B 10 8.66 7.86 18.85
C PHE B 10 9.09 7.18 17.55
N LYS B 11 8.64 7.73 16.43
CA LYS B 11 8.93 7.16 15.12
C LYS B 11 10.25 7.68 14.54
N LEU B 12 11.10 6.77 14.10
CA LEU B 12 12.34 7.10 13.41
C LEU B 12 12.26 6.70 11.94
N VAL B 13 12.54 7.65 11.04
CA VAL B 13 12.62 7.35 9.61
C VAL B 13 14.09 7.39 9.15
N PHE B 14 14.50 6.35 8.44
CA PHE B 14 15.84 6.28 7.89
C PHE B 14 15.85 6.68 6.42
N LEU B 15 16.64 7.71 6.12
CA LEU B 15 16.69 8.28 4.78
C LEU B 15 18.11 8.28 4.25
N GLY B 16 18.25 8.20 2.93
CA GLY B 16 19.55 8.27 2.30
C GLY B 16 19.59 7.57 0.96
N GLU B 17 20.64 7.83 0.20
CA GLU B 17 20.80 7.24 -1.13
C GLU B 17 20.91 5.72 -1.04
N GLN B 18 20.85 5.09 -2.20
CA GLN B 18 20.90 3.65 -2.30
C GLN B 18 22.22 3.06 -1.78
N SER B 19 22.11 1.94 -1.05
CA SER B 19 23.28 1.16 -0.64
CA SER B 19 23.26 1.14 -0.62
C SER B 19 24.19 1.85 0.37
N VAL B 20 23.67 2.82 1.11
CA VAL B 20 24.52 3.52 2.09
C VAL B 20 24.62 2.77 3.42
N GLY B 21 23.64 1.93 3.71
CA GLY B 21 23.66 1.09 4.90
C GLY B 21 22.52 1.30 5.87
N LYS B 22 21.44 1.93 5.39
CA LYS B 22 20.26 2.18 6.22
C LYS B 22 19.74 0.91 6.87
N THR B 23 19.48 -0.11 6.05
CA THR B 23 18.93 -1.37 6.55
C THR B 23 19.93 -2.11 7.44
N SER B 24 21.21 -2.05 7.08
CA SER B 24 22.24 -2.74 7.84
C SER B 24 22.37 -2.16 9.27
N LEU B 25 22.23 -0.84 9.38
CA LEU B 25 22.28 -0.20 10.69
C LEU B 25 21.12 -0.66 11.56
N ILE B 26 19.94 -0.72 10.98
CA ILE B 26 18.75 -1.18 11.68
C ILE B 26 18.88 -2.65 12.07
N THR B 27 19.36 -3.47 11.14
CA THR B 27 19.52 -4.89 11.40
C THR B 27 20.56 -5.13 12.50
N ARG B 28 21.62 -4.33 12.48
CA ARG B 28 22.65 -4.45 13.50
C ARG B 28 22.08 -4.10 14.88
N PHE B 29 21.31 -3.02 14.95
CA PHE B 29 20.72 -2.60 16.21
C PHE B 29 19.64 -3.58 16.67
N MET B 30 18.80 -4.01 15.73
CA MET B 30 17.69 -4.89 16.03
C MET B 30 18.14 -6.30 16.42
N TYR B 31 18.90 -6.94 15.53
CA TYR B 31 19.19 -8.36 15.62
C TYR B 31 20.67 -8.66 15.83
N ASP B 32 21.49 -7.62 15.87
CA ASP B 32 22.94 -7.78 15.94
C ASP B 32 23.43 -8.77 14.89
N SER B 33 22.96 -8.58 13.67
CA SER B 33 23.44 -9.38 12.54
C SER B 33 23.78 -8.45 11.39
N PHE B 34 24.55 -8.98 10.43
CA PHE B 34 24.96 -8.20 9.28
C PHE B 34 25.13 -9.13 8.08
N ASP B 35 24.72 -8.65 6.92
CA ASP B 35 24.82 -9.42 5.68
C ASP B 35 25.62 -8.62 4.66
N ASN B 36 26.64 -9.25 4.08
CA ASN B 36 27.46 -8.62 3.07
C ASN B 36 26.72 -8.51 1.74
N THR B 37 25.80 -9.45 1.52
CA THR B 37 25.02 -9.49 0.28
C THR B 37 23.98 -8.37 0.26
N TYR B 38 23.96 -7.62 -0.84
CA TYR B 38 23.09 -6.47 -0.95
C TYR B 38 21.67 -6.84 -1.39
N GLN B 39 20.70 -6.47 -0.56
CA GLN B 39 19.29 -6.58 -0.89
C GLN B 39 18.62 -5.21 -0.77
N ALA B 40 18.41 -4.56 -1.90
CA ALA B 40 17.82 -3.23 -1.93
C ALA B 40 16.45 -3.23 -1.28
N THR B 41 16.20 -2.24 -0.42
CA THR B 41 14.90 -2.10 0.21
C THR B 41 13.87 -1.73 -0.83
N ILE B 42 12.73 -2.41 -0.79
CA ILE B 42 11.61 -2.12 -1.67
C ILE B 42 10.54 -1.39 -0.86
N GLY B 43 10.11 -0.24 -1.37
CA GLY B 43 9.13 0.58 -0.67
C GLY B 43 9.64 1.01 0.69
N ILE B 44 8.83 0.78 1.73
CA ILE B 44 9.17 1.14 3.09
C ILE B 44 8.83 -0.01 4.04
N ASP B 45 9.78 -0.38 4.89
CA ASP B 45 9.58 -1.44 5.87
C ASP B 45 9.51 -0.86 7.28
N PHE B 46 8.74 -1.52 8.13
CA PHE B 46 8.53 -1.07 9.51
C PHE B 46 9.08 -2.06 10.53
N LEU B 47 9.67 -1.53 11.60
CA LEU B 47 10.17 -2.35 12.70
C LEU B 47 9.90 -1.64 14.03
N SER B 48 10.05 -2.37 15.13
CA SER B 48 9.76 -1.85 16.47
C SER B 48 10.62 -2.54 17.51
N LYS B 49 11.07 -1.80 18.52
CA LYS B 49 12.01 -2.36 19.50
C LYS B 49 12.04 -1.58 20.82
N THR B 50 12.52 -2.26 21.87
CA THR B 50 12.70 -1.67 23.19
C THR B 50 14.18 -1.62 23.54
N MET B 51 14.57 -0.62 24.33
CA MET B 51 15.95 -0.46 24.77
C MET B 51 16.02 0.05 26.20
N ASP B 55 17.86 5.12 31.57
CA ASP B 55 17.12 3.89 31.87
C ASP B 55 15.61 4.16 31.86
N ARG B 56 14.96 3.82 30.75
CA ARG B 56 13.52 4.03 30.60
C ARG B 56 12.94 3.08 29.55
N THR B 57 11.61 3.04 29.47
CA THR B 57 10.92 2.19 28.52
C THR B 57 10.97 2.79 27.13
N VAL B 58 11.94 2.36 26.33
CA VAL B 58 12.08 2.84 24.96
C VAL B 58 11.05 2.18 24.05
N ARG B 59 10.33 3.00 23.29
CA ARG B 59 9.34 2.50 22.34
C ARG B 59 9.67 2.97 20.93
N LEU B 60 10.75 2.42 20.38
CA LEU B 60 11.21 2.81 19.05
C LEU B 60 10.35 2.19 17.96
N GLN B 61 9.94 3.03 17.01
CA GLN B 61 9.20 2.58 15.83
C GLN B 61 9.95 3.03 14.58
N LEU B 62 10.64 2.09 13.95
CA LEU B 62 11.55 2.41 12.86
C LEU B 62 10.90 2.25 11.48
N TRP B 63 11.12 3.24 10.63
CA TRP B 63 10.71 3.17 9.23
C TRP B 63 11.93 3.15 8.33
N ASP B 64 12.12 2.03 7.65
CA ASP B 64 13.27 1.83 6.77
C ASP B 64 12.85 2.07 5.31
N THR B 65 13.35 3.15 4.71
CA THR B 65 12.92 3.54 3.38
C THR B 65 13.91 3.12 2.29
N ALA B 66 13.40 3.02 1.06
CA ALA B 66 14.22 2.62 -0.08
C ALA B 66 15.04 3.80 -0.61
N GLY B 67 16.28 3.51 -1.00
CA GLY B 67 17.12 4.49 -1.64
C GLY B 67 16.82 4.59 -3.13
N LEU B 68 16.19 3.54 -3.66
CA LEU B 68 15.79 3.51 -5.07
C LEU B 68 14.87 4.67 -5.40
N GLU B 69 15.14 5.32 -6.52
CA GLU B 69 14.38 6.49 -6.94
C GLU B 69 12.89 6.20 -7.12
N ARG B 70 12.60 5.01 -7.64
CA ARG B 70 11.22 4.62 -7.96
C ARG B 70 10.27 4.75 -6.76
N PHE B 71 10.81 4.66 -5.55
CA PHE B 71 10.00 4.64 -4.34
C PHE B 71 10.12 5.92 -3.51
N ARG B 72 10.77 6.93 -4.08
CA ARG B 72 10.96 8.20 -3.40
C ARG B 72 9.65 8.87 -2.99
N SER B 73 8.67 8.83 -3.89
CA SER B 73 7.39 9.52 -3.68
C SER B 73 6.61 8.98 -2.47
N LEU B 74 6.98 7.79 -2.00
CA LEU B 74 6.32 7.19 -0.85
C LEU B 74 6.78 7.78 0.47
N ILE B 75 7.94 8.42 0.46
CA ILE B 75 8.64 8.77 1.69
C ILE B 75 8.06 9.97 2.45
N PRO B 76 7.73 11.08 1.75
CA PRO B 76 7.28 12.30 2.42
C PRO B 76 6.33 12.10 3.61
N SER B 77 5.25 11.35 3.41
CA SER B 77 4.25 11.16 4.46
C SER B 77 4.87 10.60 5.74
N TYR B 78 5.85 9.71 5.59
CA TYR B 78 6.47 9.06 6.74
C TYR B 78 7.40 10.01 7.50
N ILE B 79 7.96 10.99 6.79
CA ILE B 79 8.81 11.98 7.42
C ILE B 79 7.96 12.88 8.31
N ARG B 80 6.73 13.17 7.87
CA ARG B 80 5.82 14.03 8.62
C ARG B 80 5.52 13.44 10.00
N ASP B 81 5.31 12.13 10.05
CA ASP B 81 4.91 11.47 11.28
C ASP B 81 6.11 11.04 12.13
N SER B 82 7.30 11.12 11.55
CA SER B 82 8.52 10.74 12.25
C SER B 82 9.03 11.91 13.11
N THR B 83 9.22 11.63 14.39
CA THR B 83 9.79 12.62 15.30
C THR B 83 11.29 12.76 15.07
N VAL B 84 11.92 11.68 14.61
CA VAL B 84 13.34 11.66 14.31
C VAL B 84 13.59 11.30 12.85
N ALA B 85 14.58 11.96 12.25
CA ALA B 85 15.07 11.60 10.93
C ALA B 85 16.55 11.21 11.00
N VAL B 86 16.86 10.02 10.51
CA VAL B 86 18.25 9.56 10.45
C VAL B 86 18.69 9.55 9.00
N VAL B 87 19.52 10.53 8.63
CA VAL B 87 19.97 10.68 7.26
C VAL B 87 21.36 10.07 7.10
N VAL B 88 21.44 9.03 6.29
CA VAL B 88 22.64 8.23 6.19
C VAL B 88 23.36 8.43 4.87
N TYR B 89 24.69 8.53 4.92
CA TYR B 89 25.49 8.46 3.72
C TYR B 89 26.61 7.45 3.89
N ASP B 90 27.33 7.21 2.81
CA ASP B 90 28.40 6.24 2.75
C ASP B 90 29.72 7.01 2.63
N ILE B 91 30.61 6.83 3.60
CA ILE B 91 31.85 7.60 3.62
C ILE B 91 32.76 7.28 2.43
N THR B 92 32.46 6.19 1.72
CA THR B 92 33.25 5.80 0.55
C THR B 92 32.64 6.34 -0.74
N ASN B 93 31.58 7.13 -0.62
CA ASN B 93 30.84 7.63 -1.77
C ASN B 93 30.45 9.09 -1.60
N VAL B 94 31.18 9.99 -2.24
CA VAL B 94 30.99 11.42 -2.02
C VAL B 94 29.62 11.89 -2.50
N ASN B 95 29.05 11.27 -3.53
CA ASN B 95 27.72 11.66 -3.98
C ASN B 95 26.66 11.39 -2.92
N SER B 96 26.76 10.26 -2.22
CA SER B 96 25.81 9.95 -1.16
C SER B 96 25.84 11.03 -0.10
N PHE B 97 27.04 11.55 0.17
CA PHE B 97 27.22 12.61 1.15
C PHE B 97 26.59 13.92 0.69
N GLN B 98 26.86 14.30 -0.56
CA GLN B 98 26.31 15.53 -1.13
C GLN B 98 24.78 15.55 -1.11
N GLN B 99 24.16 14.39 -1.34
CA GLN B 99 22.71 14.31 -1.41
C GLN B 99 22.03 14.48 -0.05
N THR B 100 22.77 14.33 1.05
CA THR B 100 22.16 14.43 2.38
C THR B 100 21.64 15.84 2.63
N THR B 101 22.20 16.82 1.95
CA THR B 101 21.69 18.19 2.02
C THR B 101 20.24 18.23 1.58
N LYS B 102 19.96 17.62 0.43
CA LYS B 102 18.60 17.54 -0.10
C LYS B 102 17.69 16.78 0.86
N TRP B 103 18.17 15.66 1.39
CA TRP B 103 17.39 14.86 2.32
C TRP B 103 17.01 15.67 3.55
N ILE B 104 17.98 16.38 4.11
CA ILE B 104 17.76 17.15 5.33
C ILE B 104 16.80 18.30 5.04
N ASP B 105 16.95 18.94 3.88
CA ASP B 105 16.03 20.00 3.47
C ASP B 105 14.58 19.50 3.47
N ASP B 106 14.39 18.31 2.92
CA ASP B 106 13.06 17.71 2.85
C ASP B 106 12.50 17.45 4.26
N VAL B 107 13.36 17.00 5.17
CA VAL B 107 12.94 16.77 6.55
C VAL B 107 12.49 18.08 7.19
N ARG B 108 13.15 19.19 6.84
CA ARG B 108 12.77 20.50 7.35
C ARG B 108 11.45 20.95 6.75
N THR B 109 11.25 20.67 5.47
CA THR B 109 10.02 21.02 4.77
C THR B 109 8.81 20.37 5.43
N GLU B 110 9.00 19.17 5.97
CA GLU B 110 7.90 18.39 6.52
C GLU B 110 7.76 18.56 8.03
N ARG B 111 8.84 18.99 8.70
CA ARG B 111 8.87 19.04 10.15
C ARG B 111 9.41 20.34 10.72
N GLY B 112 10.09 21.13 9.89
CA GLY B 112 10.68 22.38 10.33
C GLY B 112 11.76 22.18 11.38
N SER B 113 11.58 22.84 12.52
CA SER B 113 12.56 22.80 13.61
C SER B 113 12.13 21.86 14.74
N ASP B 114 10.94 21.29 14.60
CA ASP B 114 10.40 20.40 15.63
C ASP B 114 10.75 18.94 15.35
N VAL B 115 11.94 18.73 14.79
CA VAL B 115 12.42 17.38 14.47
C VAL B 115 13.86 17.18 14.90
N ILE B 116 14.16 15.98 15.38
CA ILE B 116 15.53 15.58 15.69
C ILE B 116 16.15 14.95 14.45
N ILE B 117 17.27 15.49 14.00
CA ILE B 117 17.96 14.95 12.83
C ILE B 117 19.37 14.49 13.19
N MET B 118 19.69 13.28 12.76
CA MET B 118 21.03 12.71 12.91
C MET B 118 21.62 12.41 11.54
N LEU B 119 22.74 13.04 11.25
CA LEU B 119 23.50 12.76 10.02
C LEU B 119 24.50 11.65 10.30
N VAL B 120 24.43 10.57 9.53
CA VAL B 120 25.25 9.38 9.76
C VAL B 120 26.20 9.09 8.60
N GLY B 121 27.50 9.14 8.88
CA GLY B 121 28.51 8.69 7.94
C GLY B 121 28.83 7.23 8.19
N ASN B 122 28.29 6.33 7.37
CA ASN B 122 28.42 4.90 7.61
C ASN B 122 29.55 4.25 6.81
N LYS B 123 29.98 3.07 7.28
CA LYS B 123 31.01 2.23 6.66
C LYS B 123 32.43 2.72 6.98
N THR B 124 32.65 3.13 8.23
CA THR B 124 33.96 3.57 8.69
C THR B 124 35.04 2.49 8.53
N ASP B 125 34.61 1.24 8.43
CA ASP B 125 35.54 0.12 8.34
C ASP B 125 36.21 0.04 6.97
N LEU B 126 35.62 0.71 5.99
CA LEU B 126 36.18 0.72 4.64
C LEU B 126 37.14 1.91 4.51
N ALA B 127 38.09 1.97 5.44
CA ALA B 127 39.06 3.05 5.53
C ALA B 127 39.81 3.28 4.20
N ASP B 128 40.15 2.19 3.51
CA ASP B 128 40.90 2.29 2.26
C ASP B 128 40.08 2.90 1.12
N LYS B 129 38.78 3.03 1.33
CA LYS B 129 37.89 3.53 0.28
C LYS B 129 37.21 4.84 0.67
N ARG B 130 37.56 5.37 1.84
CA ARG B 130 36.98 6.62 2.32
C ARG B 130 37.21 7.76 1.32
N GLN B 131 36.11 8.40 0.93
CA GLN B 131 36.15 9.56 0.03
C GLN B 131 35.75 10.82 0.76
N VAL B 132 35.11 10.66 1.92
CA VAL B 132 34.61 11.77 2.72
C VAL B 132 35.27 11.76 4.09
N SER B 133 35.93 12.85 4.45
CA SER B 133 36.62 12.94 5.74
C SER B 133 35.59 13.16 6.85
N ILE B 134 35.97 12.82 8.08
CA ILE B 134 35.08 13.03 9.21
C ILE B 134 34.91 14.53 9.44
N GLU B 135 35.90 15.32 9.06
CA GLU B 135 35.81 16.78 9.17
C GLU B 135 34.73 17.33 8.26
N GLU B 136 34.61 16.78 7.06
CA GLU B 136 33.59 17.22 6.11
C GLU B 136 32.19 16.92 6.64
N GLY B 137 32.04 15.76 7.26
CA GLY B 137 30.75 15.36 7.83
C GLY B 137 30.38 16.24 9.00
N GLU B 138 31.34 16.49 9.89
CA GLU B 138 31.13 17.35 11.04
C GLU B 138 30.78 18.77 10.60
N ARG B 139 31.42 19.25 9.52
CA ARG B 139 31.13 20.57 9.01
C ARG B 139 29.69 20.68 8.51
N LYS B 140 29.26 19.69 7.73
CA LYS B 140 27.93 19.73 7.14
C LYS B 140 26.87 19.69 8.23
N ALA B 141 27.13 18.95 9.30
CA ALA B 141 26.18 18.83 10.40
C ALA B 141 26.04 20.17 11.11
N LYS B 142 27.17 20.85 11.33
CA LYS B 142 27.15 22.18 11.93
C LYS B 142 26.43 23.18 11.04
N GLU B 143 26.75 23.15 9.74
CA GLU B 143 26.13 24.06 8.79
C GLU B 143 24.62 23.89 8.73
N LEU B 144 24.16 22.65 8.77
CA LEU B 144 22.74 22.35 8.67
C LEU B 144 22.07 22.23 10.05
N ASN B 145 22.86 22.41 11.09
CA ASN B 145 22.37 22.29 12.46
C ASN B 145 21.66 20.96 12.71
N VAL B 146 22.40 19.86 12.58
CA VAL B 146 21.91 18.54 12.90
C VAL B 146 22.97 17.78 13.69
N MET B 147 22.60 16.67 14.30
CA MET B 147 23.55 15.84 15.03
C MET B 147 24.40 15.05 14.03
N PHE B 148 25.57 14.61 14.47
CA PHE B 148 26.48 13.87 13.59
C PHE B 148 27.11 12.67 14.29
N ILE B 149 27.28 11.59 13.54
CA ILE B 149 28.00 10.41 14.01
C ILE B 149 28.51 9.62 12.81
N GLU B 150 29.66 8.98 12.97
CA GLU B 150 30.14 8.01 11.98
C GLU B 150 29.97 6.59 12.53
N THR B 151 29.61 5.66 11.65
CA THR B 151 29.29 4.30 12.05
C THR B 151 29.89 3.23 11.14
N SER B 152 29.94 2.01 11.66
CA SER B 152 30.11 0.82 10.84
C SER B 152 29.06 -0.21 11.25
N ALA B 153 28.05 -0.40 10.40
CA ALA B 153 27.04 -1.43 10.66
C ALA B 153 27.70 -2.80 10.69
N LYS B 154 28.71 -2.98 9.84
CA LYS B 154 29.41 -4.25 9.76
C LYS B 154 30.13 -4.60 11.05
N ALA B 155 30.86 -3.63 11.59
CA ALA B 155 31.61 -3.83 12.83
C ALA B 155 30.72 -3.64 14.05
N GLY B 156 29.61 -2.91 13.88
CA GLY B 156 28.75 -2.55 14.99
C GLY B 156 29.22 -1.27 15.67
N TYR B 157 30.14 -0.56 15.04
CA TYR B 157 30.71 0.65 15.61
C TYR B 157 29.71 1.81 15.65
N ASN B 158 29.49 2.34 16.86
CA ASN B 158 28.63 3.50 17.09
C ASN B 158 27.16 3.30 16.71
N VAL B 159 26.76 2.06 16.46
CA VAL B 159 25.36 1.78 16.13
C VAL B 159 24.51 1.92 17.38
N LYS B 160 25.01 1.41 18.51
CA LYS B 160 24.32 1.57 19.79
C LYS B 160 24.25 3.04 20.19
N GLN B 161 25.34 3.77 19.96
CA GLN B 161 25.42 5.17 20.33
CA GLN B 161 25.42 5.19 20.33
C GLN B 161 24.46 6.01 19.50
N LEU B 162 24.35 5.65 18.21
CA LEU B 162 23.45 6.32 17.29
C LEU B 162 22.03 6.38 17.86
N PHE B 163 21.53 5.23 18.30
CA PHE B 163 20.17 5.16 18.84
C PHE B 163 20.08 5.76 20.25
N ARG B 164 21.09 5.53 21.08
CA ARG B 164 21.12 6.11 22.41
C ARG B 164 21.13 7.63 22.36
N ARG B 165 21.92 8.19 21.45
CA ARG B 165 22.02 9.63 21.32
C ARG B 165 20.73 10.23 20.75
N VAL B 166 20.12 9.53 19.81
CA VAL B 166 18.85 9.96 19.23
C VAL B 166 17.72 9.85 20.26
N ALA B 167 17.77 8.80 21.07
CA ALA B 167 16.74 8.58 22.08
C ALA B 167 16.76 9.69 23.14
N ALA B 168 17.96 10.05 23.56
CA ALA B 168 18.14 11.06 24.60
C ALA B 168 17.63 12.43 24.17
N ALA B 169 17.45 12.61 22.86
CA ALA B 169 16.99 13.89 22.32
C ALA B 169 15.48 13.96 22.17
N LEU B 170 14.80 12.83 22.36
CA LEU B 170 13.35 12.78 22.23
C LEU B 170 12.68 13.70 23.26
N PRO B 171 11.51 14.26 22.93
CA PRO B 171 10.81 15.14 23.87
C PRO B 171 10.42 14.42 25.16
N GLY C 1 -26.12 12.80 22.80
CA GLY C 1 -26.55 14.18 22.81
C GLY C 1 -25.64 15.07 21.98
N ALA C 2 -25.30 16.23 22.53
CA ALA C 2 -24.44 17.18 21.84
C ALA C 2 -22.97 16.76 21.95
N MET C 3 -22.64 16.09 23.05
CA MET C 3 -21.28 15.64 23.30
C MET C 3 -20.92 14.47 22.39
N GLU C 4 -21.86 13.56 22.21
CA GLU C 4 -21.66 12.39 21.37
C GLU C 4 -21.59 12.78 19.90
N GLN C 5 -22.38 13.78 19.51
CA GLN C 5 -22.42 14.25 18.14
C GLN C 5 -21.12 14.96 17.76
N TRP C 6 -20.59 15.74 18.70
CA TRP C 6 -19.37 16.50 18.46
C TRP C 6 -18.17 15.58 18.25
N CYS C 7 -18.12 14.50 19.03
CA CYS C 7 -17.01 13.56 18.94
C CYS C 7 -17.15 12.66 17.73
N SER C 8 -18.39 12.34 17.38
CA SER C 8 -18.66 11.55 16.19
C SER C 8 -18.20 12.27 14.94
N GLU C 9 -18.42 13.59 14.91
CA GLU C 9 -17.98 14.42 13.79
C GLU C 9 -16.46 14.39 13.66
N ARG C 10 -15.77 14.56 14.78
CA ARG C 10 -14.31 14.59 14.77
C ARG C 10 -13.72 13.21 14.49
N LEU C 11 -14.38 12.16 14.96
CA LEU C 11 -13.95 10.80 14.68
C LEU C 11 -14.14 10.46 13.21
N ASP C 12 -15.22 10.97 12.63
CA ASP C 12 -15.50 10.77 11.21
C ASP C 12 -14.44 11.45 10.35
N ASN C 13 -14.14 12.70 10.69
CA ASN C 13 -13.14 13.48 9.94
C ASN C 13 -11.76 12.84 9.97
N GLN C 14 -11.38 12.29 11.12
CA GLN C 14 -10.09 11.63 11.25
C GLN C 14 -10.06 10.37 10.39
N LYS C 15 -11.15 9.61 10.43
CA LYS C 15 -11.28 8.40 9.64
C LYS C 15 -11.23 8.71 8.15
N GLU C 16 -11.88 9.80 7.76
CA GLU C 16 -11.94 10.20 6.36
C GLU C 16 -10.56 10.57 5.84
N LEU C 17 -9.82 11.34 6.64
CA LEU C 17 -8.51 11.84 6.22
C LEU C 17 -7.47 10.73 6.20
N MET C 18 -7.49 9.87 7.20
CA MET C 18 -6.54 8.76 7.28
C MET C 18 -6.78 7.76 6.16
N GLU C 19 -8.06 7.54 5.84
CA GLU C 19 -8.44 6.72 4.69
C GLU C 19 -7.83 7.28 3.42
N GLU C 20 -7.98 8.59 3.25
CA GLU C 20 -7.48 9.29 2.06
C GLU C 20 -5.97 9.14 1.94
N LEU C 21 -5.28 9.38 3.05
CA LEU C 21 -3.82 9.31 3.10
C LEU C 21 -3.31 7.91 2.76
N TYR C 22 -3.86 6.90 3.42
CA TYR C 22 -3.34 5.54 3.28
C TYR C 22 -3.78 4.87 1.99
N GLU C 23 -4.95 5.23 1.48
CA GLU C 23 -5.38 4.69 0.19
C GLU C 23 -4.49 5.24 -0.92
N GLU C 24 -4.00 6.45 -0.73
CA GLU C 24 -3.06 7.03 -1.67
C GLU C 24 -1.72 6.32 -1.59
N LYS C 25 -1.30 5.96 -0.37
CA LYS C 25 -0.07 5.21 -0.18
C LYS C 25 -0.13 3.86 -0.86
N LEU C 26 -1.26 3.17 -0.69
CA LEU C 26 -1.46 1.85 -1.29
C LEU C 26 -1.40 1.95 -2.80
N LYS C 27 -2.06 2.97 -3.36
CA LYS C 27 -2.06 3.15 -4.80
C LYS C 27 -0.64 3.39 -5.31
N ILE C 28 0.05 4.39 -4.74
CA ILE C 28 1.41 4.72 -5.15
C ILE C 28 2.34 3.52 -4.99
N LEU C 29 2.18 2.78 -3.90
CA LEU C 29 2.99 1.59 -3.67
C LEU C 29 2.76 0.58 -4.80
N LYS C 30 1.49 0.35 -5.13
CA LYS C 30 1.15 -0.56 -6.21
C LYS C 30 1.78 -0.11 -7.53
N GLU C 31 1.64 1.16 -7.88
CA GLU C 31 2.15 1.66 -9.15
C GLU C 31 3.68 1.60 -9.19
N SER C 32 4.32 1.90 -8.06
CA SER C 32 5.78 1.92 -8.01
C SER C 32 6.36 0.52 -8.11
N LEU C 33 5.76 -0.44 -7.39
CA LEU C 33 6.19 -1.83 -7.47
C LEU C 33 6.04 -2.35 -8.88
N THR C 34 4.86 -2.09 -9.48
CA THR C 34 4.58 -2.51 -10.84
C THR C 34 5.61 -1.94 -11.81
N THR C 35 5.73 -0.62 -11.84
CA THR C 35 6.69 0.05 -12.71
C THR C 35 8.11 -0.46 -12.48
N PHE C 36 8.48 -0.64 -11.22
CA PHE C 36 9.82 -1.08 -10.87
C PHE C 36 10.13 -2.47 -11.45
N TYR C 37 9.24 -3.42 -11.23
CA TYR C 37 9.50 -4.81 -11.63
C TYR C 37 9.27 -5.06 -13.12
N GLN C 38 8.38 -4.28 -13.74
CA GLN C 38 8.09 -4.45 -15.16
C GLN C 38 9.29 -4.08 -16.02
N GLU C 39 10.07 -3.10 -15.58
CA GLU C 39 11.28 -2.72 -16.28
C GLU C 39 12.28 -3.87 -16.27
N GLN C 40 12.47 -4.46 -15.10
CA GLN C 40 13.39 -5.58 -14.94
C GLN C 40 12.94 -6.78 -15.76
N ILE C 41 11.63 -6.97 -15.86
CA ILE C 41 11.07 -8.06 -16.65
C ILE C 41 11.17 -7.75 -18.14
N GLN C 42 11.05 -6.48 -18.49
CA GLN C 42 11.14 -6.04 -19.88
C GLN C 42 12.55 -6.21 -20.42
N GLU C 43 13.54 -5.85 -19.60
CA GLU C 43 14.95 -5.99 -19.98
C GLU C 43 15.28 -7.41 -20.39
N ARG C 44 14.87 -8.36 -19.56
CA ARG C 44 15.16 -9.77 -19.78
C ARG C 44 14.32 -10.32 -20.94
N ASP C 45 13.14 -9.74 -21.12
CA ASP C 45 12.27 -10.11 -22.23
C ASP C 45 12.86 -9.64 -23.56
N GLU C 46 13.56 -8.51 -23.53
CA GLU C 46 14.21 -7.97 -24.71
C GLU C 46 15.30 -8.91 -25.22
N LYS C 47 15.77 -9.79 -24.34
CA LYS C 47 16.84 -10.73 -24.68
C LYS C 47 16.26 -12.04 -25.20
N ILE C 48 15.78 -12.02 -26.45
CA ILE C 48 15.28 -13.22 -27.12
C ILE C 48 16.32 -13.76 -28.09
N GLU C 49 17.34 -12.97 -28.38
CA GLU C 49 18.40 -13.37 -29.30
C GLU C 49 19.26 -14.48 -28.71
N GLY D 1 -11.14 20.57 28.51
CA GLY D 1 -11.61 20.10 29.81
C GLY D 1 -11.86 18.60 29.82
N ALA D 2 -13.00 18.21 30.37
CA ALA D 2 -13.37 16.80 30.45
C ALA D 2 -13.82 16.29 29.09
N MET D 3 -14.43 17.17 28.30
CA MET D 3 -14.91 16.84 26.97
C MET D 3 -13.74 16.60 26.02
N GLU D 4 -12.79 17.54 26.04
CA GLU D 4 -11.64 17.49 25.15
C GLU D 4 -10.76 16.28 25.45
N GLN D 5 -10.69 15.90 26.72
CA GLN D 5 -9.87 14.78 27.14
C GLN D 5 -10.50 13.46 26.69
N TRP D 6 -11.82 13.39 26.74
CA TRP D 6 -12.54 12.18 26.36
C TRP D 6 -12.44 11.93 24.86
N CYS D 7 -12.57 12.99 24.07
CA CYS D 7 -12.55 12.87 22.62
C CYS D 7 -11.12 12.64 22.11
N SER D 8 -10.15 13.20 22.82
CA SER D 8 -8.75 13.01 22.46
C SER D 8 -8.34 11.56 22.67
N GLU D 9 -8.91 10.93 23.70
CA GLU D 9 -8.62 9.54 23.99
C GLU D 9 -9.13 8.62 22.90
N ARG D 10 -10.33 8.92 22.39
CA ARG D 10 -10.94 8.11 21.34
C ARG D 10 -10.27 8.37 19.99
N LEU D 11 -9.90 9.62 19.73
CA LEU D 11 -9.20 9.97 18.50
C LEU D 11 -7.83 9.31 18.45
N ASP D 12 -7.13 9.32 19.58
CA ASP D 12 -5.82 8.67 19.68
C ASP D 12 -5.95 7.18 19.41
N ASN D 13 -6.96 6.56 19.99
CA ASN D 13 -7.21 5.13 19.79
C ASN D 13 -7.54 4.82 18.34
N GLN D 14 -8.46 5.59 17.76
CA GLN D 14 -8.85 5.38 16.37
C GLN D 14 -7.64 5.50 15.45
N LYS D 15 -6.82 6.51 15.70
CA LYS D 15 -5.63 6.74 14.89
C LYS D 15 -4.66 5.57 15.00
N GLU D 16 -4.48 5.05 16.22
CA GLU D 16 -3.56 3.95 16.45
C GLU D 16 -4.02 2.69 15.73
N LEU D 17 -5.32 2.44 15.75
CA LEU D 17 -5.87 1.24 15.12
C LEU D 17 -5.78 1.32 13.60
N MET D 18 -6.15 2.47 13.04
CA MET D 18 -6.13 2.65 11.60
C MET D 18 -4.71 2.57 11.06
N GLU D 19 -3.76 3.10 11.81
CA GLU D 19 -2.35 2.97 11.49
C GLU D 19 -1.97 1.49 11.40
N GLU D 20 -2.34 0.73 12.42
CA GLU D 20 -2.07 -0.71 12.44
C GLU D 20 -2.67 -1.42 11.23
N LEU D 21 -3.93 -1.12 10.94
CA LEU D 21 -4.65 -1.79 9.86
C LEU D 21 -4.03 -1.50 8.50
N TYR D 22 -3.76 -0.24 8.23
CA TYR D 22 -3.29 0.17 6.91
C TYR D 22 -1.83 -0.22 6.67
N GLU D 23 -1.03 -0.23 7.73
CA GLU D 23 0.36 -0.66 7.60
C GLU D 23 0.42 -2.15 7.31
N GLU D 24 -0.53 -2.91 7.86
CA GLU D 24 -0.61 -4.33 7.57
C GLU D 24 -0.97 -4.54 6.10
N LYS D 25 -1.87 -3.71 5.58
CA LYS D 25 -2.23 -3.76 4.16
C LYS D 25 -1.03 -3.49 3.27
N LEU D 26 -0.29 -2.44 3.60
CA LEU D 26 0.89 -2.06 2.84
C LEU D 26 1.92 -3.17 2.86
N LYS D 27 2.16 -3.72 4.04
CA LYS D 27 3.15 -4.76 4.22
C LYS D 27 2.82 -5.98 3.36
N ILE D 28 1.62 -6.53 3.53
CA ILE D 28 1.27 -7.77 2.86
C ILE D 28 1.12 -7.56 1.35
N LEU D 29 0.67 -6.37 0.94
CA LEU D 29 0.61 -6.03 -0.48
C LEU D 29 2.01 -6.09 -1.08
N LYS D 30 2.96 -5.43 -0.42
CA LYS D 30 4.34 -5.38 -0.91
C LYS D 30 4.95 -6.77 -0.96
N GLU D 31 4.70 -7.56 0.08
CA GLU D 31 5.26 -8.91 0.16
C GLU D 31 4.68 -9.82 -0.92
N SER D 32 3.40 -9.67 -1.21
CA SER D 32 2.76 -10.47 -2.26
C SER D 32 3.33 -10.16 -3.63
N LEU D 33 3.45 -8.87 -3.95
CA LEU D 33 3.96 -8.44 -5.25
C LEU D 33 5.45 -8.76 -5.41
N THR D 34 6.20 -8.64 -4.32
CA THR D 34 7.63 -8.96 -4.35
C THR D 34 7.82 -10.43 -4.71
N THR D 35 7.18 -11.30 -3.94
CA THR D 35 7.28 -12.75 -4.16
C THR D 35 6.92 -13.12 -5.59
N PHE D 36 5.83 -12.54 -6.10
CA PHE D 36 5.38 -12.83 -7.45
C PHE D 36 6.41 -12.40 -8.49
N TYR D 37 6.83 -11.15 -8.44
CA TYR D 37 7.71 -10.60 -9.46
C TYR D 37 9.12 -11.17 -9.41
N GLN D 38 9.55 -11.62 -8.24
CA GLN D 38 10.87 -12.23 -8.12
C GLN D 38 10.89 -13.56 -8.87
N GLU D 39 9.83 -14.35 -8.71
CA GLU D 39 9.69 -15.61 -9.44
C GLU D 39 9.69 -15.35 -10.93
N GLN D 40 9.02 -14.29 -11.35
CA GLN D 40 8.98 -13.91 -12.76
C GLN D 40 10.38 -13.58 -13.24
N ILE D 41 11.11 -12.80 -12.45
CA ILE D 41 12.47 -12.40 -12.80
C ILE D 41 13.40 -13.62 -12.80
N GLN D 42 13.19 -14.54 -11.86
CA GLN D 42 13.97 -15.77 -11.79
CA GLN D 42 13.98 -15.75 -11.81
C GLN D 42 13.79 -16.59 -13.06
N GLU D 43 12.54 -16.71 -13.51
CA GLU D 43 12.23 -17.49 -14.70
C GLU D 43 12.97 -16.94 -15.93
N ARG D 44 12.96 -15.62 -16.07
CA ARG D 44 13.72 -14.98 -17.14
C ARG D 44 15.22 -15.21 -16.93
N ASP D 45 15.66 -15.17 -15.67
CA ASP D 45 17.07 -15.36 -15.34
C ASP D 45 17.52 -16.80 -15.52
N GLU D 46 16.60 -17.74 -15.31
CA GLU D 46 16.91 -19.15 -15.49
C GLU D 46 16.86 -19.55 -16.97
N LYS D 47 16.75 -18.55 -17.86
CA LYS D 47 16.73 -18.80 -19.29
C LYS D 47 17.12 -17.55 -20.06
PG GTP E . -8.06 -11.44 -13.18
O1G GTP E . -7.73 -10.01 -12.82
O2G GTP E . -6.79 -12.17 -13.52
O3G GTP E . -8.73 -12.13 -12.01
O3B GTP E . -9.03 -11.44 -14.47
PB GTP E . -10.30 -10.45 -14.62
O1B GTP E . -10.01 -9.02 -14.30
O2B GTP E . -11.46 -10.99 -13.82
O3A GTP E . -10.70 -10.64 -16.17
PA GTP E . -10.28 -9.58 -17.32
O1A GTP E . -11.09 -8.31 -17.22
O2A GTP E . -8.80 -9.31 -17.33
O5' GTP E . -10.74 -10.39 -18.61
C5' GTP E . -10.27 -11.71 -18.81
C4' GTP E . -10.30 -12.03 -20.29
O4' GTP E . -11.67 -12.12 -20.66
C3' GTP E . -9.69 -10.94 -21.14
O3' GTP E . -9.05 -11.49 -22.26
C2' GTP E . -10.88 -10.13 -21.61
O2' GTP E . -10.67 -9.54 -22.87
C1' GTP E . -11.98 -11.17 -21.64
N9 GTP E . -13.30 -10.57 -21.36
C8 GTP E . -13.68 -9.77 -20.31
N7 GTP E . -14.99 -9.46 -20.46
C5 GTP E . -15.45 -10.05 -21.59
C6 GTP E . -16.70 -10.06 -22.21
O6 GTP E . -17.65 -9.45 -21.74
N1 GTP E . -16.85 -10.78 -23.37
C2 GTP E . -15.80 -11.48 -23.93
N2 GTP E . -15.96 -12.16 -25.06
N3 GTP E . -14.57 -11.46 -23.31
C4 GTP E . -14.40 -10.75 -22.16
H5' GTP E . -10.88 -12.42 -18.27
H5'' GTP E . -9.25 -11.79 -18.45
H4' GTP E . -9.79 -12.98 -20.48
H3' GTP E . -9.01 -10.32 -20.54
HO3' GTP E . -9.52 -11.22 -23.08
H2' GTP E . -11.11 -9.37 -20.85
HO2' GTP E . -11.30 -9.92 -23.52
H1' GTP E . -11.99 -11.64 -22.62
H8 GTP E . -13.03 -9.44 -19.50
HN1 GTP E . -17.78 -10.81 -23.84
HN21 GTP E . -15.18 -12.67 -25.46
HN22 GTP E . -16.87 -12.18 -25.52
MG MG F . -8.36 -8.22 -13.31
S SO4 G . -16.06 -0.41 -28.19
O1 SO4 G . -15.93 -0.26 -29.63
O2 SO4 G . -15.63 0.83 -27.53
O3 SO4 G . -17.45 -0.68 -27.86
O4 SO4 G . -15.22 -1.51 -27.73
C1 GOL H . -33.54 -7.57 -13.13
O1 GOL H . -33.61 -7.90 -14.50
C2 GOL H . -32.37 -8.32 -12.50
O2 GOL H . -31.30 -8.33 -13.42
C3 GOL H . -32.79 -9.74 -12.16
O3 GOL H . -32.64 -9.97 -10.77
H11 GOL H . -34.48 -7.86 -12.63
H12 GOL H . -33.41 -6.50 -13.02
HO1 GOL H . -34.39 -7.48 -14.90
H2 GOL H . -32.08 -7.81 -11.58
HO2 GOL H . -30.54 -8.82 -13.01
H31 GOL H . -32.17 -10.46 -12.71
H32 GOL H . -33.83 -9.91 -12.44
HO3 GOL H . -32.68 -10.94 -10.60
PG GTP I . 18.78 0.69 0.00
O1G GTP I . 18.66 2.19 0.01
O2G GTP I . 18.73 0.18 -1.41
O3G GTP I . 17.71 0.10 0.88
O3B GTP I . 20.23 0.27 0.58
PB GTP I . 20.64 0.50 2.13
O1B GTP I . 20.84 1.97 2.41
O2B GTP I . 19.63 -0.06 3.09
O3A GTP I . 22.06 -0.25 2.23
PA GTP I . 22.18 -1.75 2.83
O1A GTP I . 21.27 -2.72 2.12
O2A GTP I . 21.94 -1.71 4.32
O5' GTP I . 23.73 -2.08 2.54
C5' GTP I . 24.24 -1.86 1.23
C4' GTP I . 25.49 -2.70 1.05
O4' GTP I . 26.50 -2.13 1.85
C3' GTP I . 25.32 -4.13 1.52
O3' GTP I . 26.04 -5.01 0.68
C2' GTP I . 25.93 -4.15 2.90
O2' GTP I . 26.52 -5.40 3.19
C1' GTP I . 26.98 -3.05 2.80
N9 GTP I . 27.19 -2.36 4.09
C8 GTP I . 26.27 -1.75 4.89
N7 GTP I . 26.91 -1.23 5.97
C5 GTP I . 28.23 -1.49 5.84
C6 GTP I . 29.33 -1.20 6.64
O6 GTP I . 29.21 -0.57 7.69
N1 GTP I . 30.58 -1.61 6.24
C2 GTP I . 30.74 -2.31 5.07
N2 GTP I . 31.95 -2.71 4.68
N3 GTP I . 29.65 -2.60 4.28
C4 GTP I . 28.41 -2.20 4.67
H5' GTP I . 24.48 -0.80 1.11
H5'' GTP I . 23.50 -2.14 0.49
H4' GTP I . 25.78 -2.70 0.00
H3' GTP I . 24.26 -4.40 1.57
HO3' GTP I . 26.77 -5.42 1.19
H2' GTP I . 25.19 -3.89 3.64
HO2' GTP I . 27.50 -5.30 3.27
H1' GTP I . 27.92 -3.48 2.46
H8 GTP I . 25.18 -1.69 4.71
HN1 GTP I . 31.41 -1.38 6.82
HN21 GTP I . 32.07 -3.21 3.81
HN22 GTP I . 32.76 -2.51 5.26
MG MG J . 17.67 -0.85 2.67
S SO4 K . 28.18 -10.51 12.75
O1 SO4 K . 28.70 -9.71 11.65
O2 SO4 K . 26.81 -10.91 12.46
O3 SO4 K . 28.20 -9.72 13.98
O4 SO4 K . 29.02 -11.69 12.91
S SO4 L . 28.92 0.34 20.21
O1 SO4 L . 27.73 0.57 19.41
O2 SO4 L . 30.10 0.82 19.50
O3 SO4 L . 29.02 -1.10 20.46
O4 SO4 L . 28.81 0.99 21.51
C1 IPA M . 22.67 -6.06 3.69
C2 IPA M . 21.34 -6.16 2.95
C3 IPA M . 20.15 -5.91 3.89
O2 IPA M . 21.29 -5.24 1.88
H11 IPA M . 23.28 -5.30 3.23
H12 IPA M . 23.19 -7.01 3.64
H13 IPA M . 22.49 -5.80 4.74
H2 IPA M . 21.25 -7.16 2.54
H31 IPA M . 19.55 -5.08 3.51
H32 IPA M . 20.52 -5.67 4.88
H33 IPA M . 19.53 -6.81 3.94
HO2 IPA M . 22.05 -4.62 1.94
#